data_6W9L
#
_entry.id   6W9L
#
_cell.length_a   71.691
_cell.length_b   96.536
_cell.length_c   107.460
_cell.angle_alpha   90.000
_cell.angle_beta   90.000
_cell.angle_gamma   90.000
#
_symmetry.space_group_name_H-M   'C 2 2 21'
#
loop_
_entity.id
_entity.type
_entity.pdbx_description
1 polymer 'Glucocorticoid Receptor'
2 polymer 'Peroxisome proliferator-activated receptor gamma coactivator 1-alpha'
3 non-polymer "(4aR,4bS,5S,6aS,6bS,9aR,10aS,10bS)-5-hydroxy-6b-(hydroxyacetyl)-4a,6a,8-trimethyl-4a,4b,5,6,6a,6b,9a,10,10a,10b,11,12-dodecahydro-2H-naphtho[2',1':4,5]indeno[1,2-d][1,3]oxazol-2-one"
4 non-polymer GLYCEROL
5 water water
#
loop_
_entity_poly.entity_id
_entity_poly.type
_entity_poly.pdbx_seq_one_letter_code
_entity_poly.pdbx_strand_id
1 'polypeptide(L)'
;FPTLISLLEVIEPEVLYSGYDSTLPDTSTRLMSTLNRLGGRQVVSAVKWAKALPGFRNLHLDDQMTLLQYSWMSLMAFSL
GWRSYKQSNGNMLCFAPDLVINEERMQLPYMYDQCQQMLKISSEFVRLQVSYDEYLCMKVLLLLSTVPKDGLKSQAVFDE
IRMTYIKELGKAIVKREGNSSQNWQRFYQLTKLLDSMHEMVGGLLQFCFYTFVNKSLSVEFPEMLAEIISNQLPKFKAGS
VKPLLFHQK
;
A
2 'polypeptide(L)' PSLLKKLLLAPA B
#
# COMPACT_ATOMS: atom_id res chain seq x y z
N PHE A 1 -23.43 3.07 19.24
CA PHE A 1 -22.10 3.65 19.30
C PHE A 1 -21.33 3.29 18.06
N PRO A 2 -20.73 4.28 17.41
CA PRO A 2 -20.00 4.03 16.16
C PRO A 2 -18.76 3.20 16.43
N THR A 3 -18.52 2.21 15.56
CA THR A 3 -17.34 1.38 15.73
C THR A 3 -16.17 1.88 14.89
N LEU A 4 -14.96 1.49 15.29
CA LEU A 4 -13.80 1.89 14.52
C LEU A 4 -13.83 1.33 13.11
N ILE A 5 -14.35 0.10 12.95
CA ILE A 5 -14.44 -0.47 11.60
C ILE A 5 -15.40 0.34 10.73
N SER A 6 -16.53 0.79 11.31
CA SER A 6 -17.45 1.60 10.52
C SER A 6 -16.77 2.87 10.04
N LEU A 7 -15.89 3.46 10.87
CA LEU A 7 -15.15 4.64 10.45
C LEU A 7 -14.15 4.33 9.33
N LEU A 8 -13.44 3.20 9.40
CA LEU A 8 -12.52 2.82 8.32
C LEU A 8 -13.27 2.70 7.00
N GLU A 9 -14.51 2.19 7.03
CA GLU A 9 -15.28 2.11 5.79
C GLU A 9 -15.59 3.50 5.24
N VAL A 10 -15.95 4.45 6.10
N VAL A 10 -15.93 4.44 6.12
CA VAL A 10 -16.38 5.75 5.59
CA VAL A 10 -16.37 5.75 5.65
C VAL A 10 -15.22 6.65 5.19
C VAL A 10 -15.20 6.56 5.12
N ILE A 11 -14.00 6.39 5.68
CA ILE A 11 -12.85 7.21 5.25
C ILE A 11 -12.11 6.61 4.08
N GLU A 12 -12.47 5.42 3.63
CA GLU A 12 -11.71 4.82 2.52
C GLU A 12 -11.89 5.68 1.26
N PRO A 13 -10.78 6.09 0.60
CA PRO A 13 -10.88 6.99 -0.55
C PRO A 13 -11.63 6.35 -1.72
N GLU A 14 -12.30 7.19 -2.49
CA GLU A 14 -12.88 6.78 -3.76
C GLU A 14 -11.78 6.42 -4.77
N VAL A 15 -12.11 5.48 -5.65
CA VAL A 15 -11.14 5.01 -6.64
C VAL A 15 -10.91 6.10 -7.68
N LEU A 16 -9.66 6.36 -8.02
CA LEU A 16 -9.30 7.38 -9.00
C LEU A 16 -9.26 6.83 -10.42
N TYR A 17 -9.55 7.72 -11.38
CA TYR A 17 -9.36 7.41 -12.79
C TYR A 17 -7.96 7.83 -13.23
N SER A 18 -7.43 7.14 -14.24
CA SER A 18 -6.08 7.49 -14.70
C SER A 18 -6.08 8.63 -15.72
N GLY A 19 -7.05 8.66 -16.64
CA GLY A 19 -6.87 9.53 -17.78
C GLY A 19 -5.92 8.99 -18.84
N TYR A 20 -5.66 7.68 -18.81
CA TYR A 20 -4.90 7.01 -19.85
C TYR A 20 -5.40 7.41 -21.25
N ASP A 21 -4.45 7.64 -22.17
CA ASP A 21 -4.75 8.00 -23.55
C ASP A 21 -4.54 6.75 -24.39
N SER A 22 -5.64 6.12 -24.80
CA SER A 22 -5.58 4.91 -25.58
C SER A 22 -5.17 5.13 -27.03
N THR A 23 -5.03 6.39 -27.49
CA THR A 23 -4.77 6.59 -28.91
C THR A 23 -3.31 6.35 -29.30
N LEU A 24 -2.42 6.26 -28.36
CA LEU A 24 -1.06 5.96 -28.73
C LEU A 24 -0.77 4.48 -28.45
N PRO A 25 0.12 3.86 -29.23
CA PRO A 25 0.47 2.45 -28.97
C PRO A 25 1.10 2.30 -27.60
N ASP A 26 0.83 1.17 -26.96
CA ASP A 26 1.43 0.89 -25.66
C ASP A 26 2.92 0.68 -25.82
N THR A 27 3.69 1.33 -24.95
CA THR A 27 5.09 1.01 -24.77
C THR A 27 5.31 0.94 -23.27
N SER A 28 6.38 0.21 -22.88
N SER A 28 6.38 0.23 -22.87
CA SER A 28 6.69 0.07 -21.46
CA SER A 28 6.66 0.07 -21.45
C SER A 28 6.92 1.43 -20.82
C SER A 28 6.94 1.42 -20.80
N THR A 29 7.62 2.33 -21.51
CA THR A 29 7.96 3.61 -20.92
C THR A 29 6.69 4.45 -20.70
N ARG A 30 5.83 4.52 -21.73
CA ARG A 30 4.61 5.31 -21.61
C ARG A 30 3.68 4.72 -20.55
N LEU A 31 3.52 3.40 -20.52
CA LEU A 31 2.65 2.79 -19.52
C LEU A 31 3.19 3.02 -18.12
N MET A 32 4.51 2.85 -17.93
CA MET A 32 5.04 3.06 -16.58
C MET A 32 4.85 4.50 -16.15
N SER A 33 5.09 5.46 -17.07
CA SER A 33 4.88 6.87 -16.71
C SER A 33 3.43 7.14 -16.36
N THR A 34 2.49 6.54 -17.10
CA THR A 34 1.07 6.73 -16.78
C THR A 34 0.72 6.12 -15.43
N LEU A 35 1.26 4.93 -15.14
CA LEU A 35 1.04 4.30 -13.85
C LEU A 35 1.61 5.14 -12.72
N ASN A 36 2.79 5.76 -12.93
CA ASN A 36 3.36 6.58 -11.88
C ASN A 36 2.53 7.84 -11.66
N ARG A 37 1.98 8.45 -12.71
N ARG A 37 1.95 8.41 -12.73
CA ARG A 37 1.11 9.61 -12.49
CA ARG A 37 1.11 9.60 -12.58
C ARG A 37 -0.11 9.21 -11.67
C ARG A 37 -0.16 9.27 -11.80
N LEU A 38 -0.70 8.06 -12.00
CA LEU A 38 -1.83 7.59 -11.21
C LEU A 38 -1.39 7.29 -9.79
N GLY A 39 -0.24 6.65 -9.64
CA GLY A 39 0.29 6.35 -8.32
C GLY A 39 0.52 7.58 -7.44
N GLY A 40 1.09 8.65 -8.02
CA GLY A 40 1.26 9.87 -7.25
C GLY A 40 -0.05 10.42 -6.74
N ARG A 41 -1.10 10.37 -7.57
CA ARG A 41 -2.39 10.84 -7.11
C ARG A 41 -3.02 9.90 -6.07
N GLN A 42 -2.86 8.57 -6.24
CA GLN A 42 -3.28 7.64 -5.20
C GLN A 42 -2.54 7.88 -3.90
N VAL A 43 -1.26 8.26 -3.96
CA VAL A 43 -0.52 8.53 -2.72
C VAL A 43 -1.06 9.77 -2.03
N VAL A 44 -1.39 10.83 -2.81
CA VAL A 44 -2.05 12.01 -2.22
C VAL A 44 -3.31 11.57 -1.49
N SER A 45 -4.13 10.73 -2.12
N SER A 45 -4.11 10.74 -2.14
CA SER A 45 -5.36 10.29 -1.46
CA SER A 45 -5.35 10.23 -1.53
C SER A 45 -5.05 9.47 -0.21
C SER A 45 -5.06 9.46 -0.26
N ALA A 46 -4.00 8.66 -0.25
CA ALA A 46 -3.62 7.87 0.92
C ALA A 46 -3.13 8.76 2.05
N VAL A 47 -2.46 9.89 1.73
CA VAL A 47 -2.06 10.82 2.79
C VAL A 47 -3.28 11.40 3.47
N LYS A 48 -4.27 11.83 2.69
CA LYS A 48 -5.51 12.36 3.26
C LYS A 48 -6.23 11.29 4.08
N TRP A 49 -6.21 10.04 3.62
CA TRP A 49 -6.75 8.94 4.40
C TRP A 49 -6.03 8.81 5.74
N ALA A 50 -4.69 8.83 5.73
CA ALA A 50 -3.96 8.66 6.98
C ALA A 50 -4.27 9.83 7.95
N LYS A 51 -4.40 11.04 7.44
CA LYS A 51 -4.77 12.16 8.32
C LYS A 51 -6.11 11.92 9.00
N ALA A 52 -7.04 11.26 8.32
CA ALA A 52 -8.36 10.96 8.85
C ALA A 52 -8.42 9.68 9.66
N LEU A 53 -7.36 8.87 9.66
CA LEU A 53 -7.37 7.58 10.31
C LEU A 53 -7.28 7.81 11.81
N PRO A 54 -8.25 7.33 12.61
CA PRO A 54 -8.23 7.68 14.03
C PRO A 54 -6.92 7.29 14.72
N GLY A 55 -6.31 8.29 15.40
CA GLY A 55 -5.06 8.07 16.11
C GLY A 55 -3.83 8.53 15.37
N PHE A 56 -3.86 8.52 14.03
CA PHE A 56 -2.62 8.70 13.29
C PHE A 56 -2.01 10.10 13.51
N ARG A 57 -2.84 11.14 13.51
CA ARG A 57 -2.23 12.46 13.65
C ARG A 57 -1.72 12.75 15.05
N ASN A 58 -1.86 11.82 16.01
CA ASN A 58 -1.22 12.01 17.31
C ASN A 58 0.26 11.69 17.27
N LEU A 59 0.72 11.01 16.22
CA LEU A 59 2.15 10.77 16.07
C LEU A 59 2.87 12.08 15.80
N HIS A 60 4.14 12.14 16.20
CA HIS A 60 5.01 13.24 15.78
C HIS A 60 4.98 13.36 14.28
N LEU A 61 5.03 14.60 13.77
CA LEU A 61 4.96 14.79 12.32
C LEU A 61 6.07 14.03 11.59
N ASP A 62 7.27 13.94 12.18
CA ASP A 62 8.36 13.20 11.52
C ASP A 62 8.03 11.72 11.39
N ASP A 63 7.30 11.15 12.36
CA ASP A 63 6.87 9.76 12.29
C ASP A 63 5.76 9.57 11.27
N GLN A 64 4.83 10.52 11.17
CA GLN A 64 3.82 10.43 10.12
C GLN A 64 4.49 10.39 8.76
N MET A 65 5.51 11.24 8.56
CA MET A 65 6.22 11.23 7.29
C MET A 65 6.96 9.93 7.06
N THR A 66 7.68 9.43 8.08
CA THR A 66 8.41 8.17 7.95
C THR A 66 7.48 7.02 7.55
N LEU A 67 6.34 6.89 8.23
CA LEU A 67 5.48 5.74 7.97
C LEU A 67 4.92 5.79 6.55
N LEU A 68 4.49 6.97 6.10
CA LEU A 68 3.97 7.08 4.73
C LEU A 68 5.07 6.86 3.71
N GLN A 69 6.26 7.42 3.93
CA GLN A 69 7.37 7.22 3.01
C GLN A 69 7.77 5.75 2.94
N TYR A 70 7.73 5.03 4.07
CA TYR A 70 8.23 3.66 4.07
C TYR A 70 7.20 2.68 3.52
N SER A 71 5.91 2.95 3.68
CA SER A 71 4.85 1.97 3.39
C SER A 71 4.07 2.26 2.12
N TRP A 72 4.36 3.35 1.42
CA TRP A 72 3.48 3.74 0.30
C TRP A 72 3.30 2.62 -0.73
N MET A 73 4.36 1.90 -1.08
CA MET A 73 4.22 0.87 -2.11
C MET A 73 3.39 -0.30 -1.60
N SER A 74 3.54 -0.63 -0.32
N SER A 74 3.53 -0.65 -0.32
CA SER A 74 2.72 -1.70 0.25
CA SER A 74 2.70 -1.73 0.20
C SER A 74 1.26 -1.31 0.20
C SER A 74 1.24 -1.33 0.22
N LEU A 75 0.95 -0.08 0.59
CA LEU A 75 -0.45 0.39 0.55
C LEU A 75 -0.98 0.32 -0.88
N MET A 76 -0.22 0.82 -1.85
CA MET A 76 -0.73 0.87 -3.22
C MET A 76 -0.88 -0.52 -3.80
N ALA A 77 0.07 -1.42 -3.53
CA ALA A 77 -0.05 -2.76 -4.09
C ALA A 77 -1.14 -3.56 -3.40
N PHE A 78 -1.37 -3.32 -2.11
CA PHE A 78 -2.44 -4.05 -1.43
C PHE A 78 -3.79 -3.62 -1.95
N SER A 79 -4.00 -2.30 -2.17
N SER A 79 -3.96 -2.30 -2.16
CA SER A 79 -5.30 -1.86 -2.68
CA SER A 79 -5.24 -1.81 -2.67
C SER A 79 -5.49 -2.20 -4.15
C SER A 79 -5.45 -2.25 -4.10
N LEU A 80 -4.41 -2.24 -4.94
CA LEU A 80 -4.51 -2.80 -6.29
C LEU A 80 -4.90 -4.26 -6.23
N GLY A 81 -4.36 -4.99 -5.26
CA GLY A 81 -4.74 -6.38 -5.09
C GLY A 81 -6.21 -6.54 -4.79
N TRP A 82 -6.72 -5.69 -3.87
CA TRP A 82 -8.14 -5.70 -3.51
C TRP A 82 -9.03 -5.35 -4.71
N ARG A 83 -8.72 -4.26 -5.43
CA ARG A 83 -9.56 -3.90 -6.59
C ARG A 83 -9.54 -5.00 -7.62
N SER A 84 -8.37 -5.60 -7.85
CA SER A 84 -8.28 -6.66 -8.85
C SER A 84 -9.06 -7.90 -8.40
N TYR A 85 -9.07 -8.18 -7.09
CA TYR A 85 -9.89 -9.27 -6.55
C TYR A 85 -11.39 -8.99 -6.74
N LYS A 86 -11.87 -7.82 -6.28
CA LYS A 86 -13.29 -7.54 -6.37
C LYS A 86 -13.77 -7.40 -7.81
N GLN A 87 -12.96 -6.80 -8.68
CA GLN A 87 -13.43 -6.51 -10.03
C GLN A 87 -13.13 -7.63 -11.01
N SER A 88 -12.13 -8.47 -10.73
CA SER A 88 -11.82 -9.49 -11.74
C SER A 88 -11.51 -10.84 -11.14
N ASN A 89 -11.70 -11.04 -9.84
CA ASN A 89 -11.28 -12.27 -9.16
C ASN A 89 -9.80 -12.59 -9.36
N GLY A 90 -8.97 -11.56 -9.44
CA GLY A 90 -7.52 -11.74 -9.54
C GLY A 90 -7.01 -12.09 -10.92
N ASN A 91 -7.83 -11.95 -11.96
CA ASN A 91 -7.38 -12.31 -13.30
C ASN A 91 -6.76 -11.16 -14.06
N MET A 92 -7.07 -9.91 -13.71
CA MET A 92 -6.53 -8.75 -14.42
C MET A 92 -6.12 -7.74 -13.37
N LEU A 93 -5.18 -6.87 -13.73
CA LEU A 93 -4.77 -5.79 -12.83
C LEU A 93 -5.66 -4.59 -13.07
N CYS A 94 -6.45 -4.26 -12.06
CA CYS A 94 -7.50 -3.27 -12.19
C CYS A 94 -6.97 -1.99 -11.55
N PHE A 95 -6.04 -1.35 -12.29
CA PHE A 95 -5.38 -0.15 -11.76
C PHE A 95 -6.38 0.97 -11.54
N ALA A 96 -7.29 1.17 -12.49
CA ALA A 96 -8.30 2.22 -12.41
C ALA A 96 -9.48 1.78 -13.26
N PRO A 97 -10.63 2.43 -13.10
CA PRO A 97 -11.79 2.03 -13.93
C PRO A 97 -11.54 2.21 -15.41
N ASP A 98 -10.64 3.12 -15.78
CA ASP A 98 -10.24 3.34 -17.17
C ASP A 98 -8.86 2.77 -17.47
N LEU A 99 -8.32 1.89 -16.62
CA LEU A 99 -7.01 1.31 -16.93
C LEU A 99 -6.96 -0.09 -16.32
N VAL A 100 -7.38 -1.07 -17.13
CA VAL A 100 -7.47 -2.45 -16.72
C VAL A 100 -6.52 -3.21 -17.63
N ILE A 101 -5.54 -3.87 -17.05
CA ILE A 101 -4.48 -4.53 -17.81
C ILE A 101 -4.67 -6.03 -17.69
N ASN A 102 -4.98 -6.69 -18.81
CA ASN A 102 -5.12 -8.14 -18.82
C ASN A 102 -3.78 -8.79 -19.16
N GLU A 103 -3.74 -10.13 -19.16
CA GLU A 103 -2.47 -10.82 -19.28
C GLU A 103 -1.79 -10.56 -20.63
N GLU A 104 -2.57 -10.37 -21.69
CA GLU A 104 -1.95 -10.09 -22.98
C GLU A 104 -1.34 -8.70 -23.00
N ARG A 105 -1.98 -7.74 -22.35
CA ARG A 105 -1.48 -6.38 -22.37
C ARG A 105 -0.26 -6.17 -21.48
N MET A 106 0.17 -7.21 -20.75
CA MET A 106 1.29 -7.10 -19.85
C MET A 106 2.58 -7.70 -20.41
N GLN A 107 2.59 -8.09 -21.68
CA GLN A 107 3.77 -8.69 -22.29
C GLN A 107 4.74 -7.67 -22.85
N LEU A 108 4.76 -6.47 -22.32
CA LEU A 108 5.71 -5.46 -22.74
C LEU A 108 7.01 -5.59 -21.96
N PRO A 109 8.10 -5.04 -22.49
CA PRO A 109 9.41 -5.13 -21.81
C PRO A 109 9.34 -4.67 -20.37
N TYR A 110 9.94 -5.47 -19.47
CA TYR A 110 9.99 -5.25 -18.02
C TYR A 110 8.64 -5.48 -17.34
N MET A 111 7.55 -5.35 -18.07
CA MET A 111 6.24 -5.31 -17.40
C MET A 111 5.85 -6.67 -16.84
N TYR A 112 6.13 -7.73 -17.58
CA TYR A 112 5.48 -9.00 -17.29
C TYR A 112 5.79 -9.48 -15.86
N ASP A 113 7.07 -9.49 -15.46
CA ASP A 113 7.40 -10.01 -14.14
C ASP A 113 6.81 -9.16 -13.02
N GLN A 114 6.81 -7.84 -13.16
CA GLN A 114 6.24 -7.01 -12.11
C GLN A 114 4.72 -7.19 -12.03
N CYS A 115 4.09 -7.31 -13.21
CA CYS A 115 2.65 -7.47 -13.21
C CYS A 115 2.24 -8.82 -12.61
N GLN A 116 3.01 -9.87 -12.91
CA GLN A 116 2.72 -11.17 -12.30
C GLN A 116 2.86 -11.11 -10.79
N GLN A 117 3.81 -10.33 -10.27
CA GLN A 117 3.93 -10.19 -8.83
C GLN A 117 2.73 -9.45 -8.22
N MET A 118 2.24 -8.41 -8.91
CA MET A 118 1.03 -7.73 -8.46
C MET A 118 -0.18 -8.67 -8.50
N LEU A 119 -0.30 -9.52 -9.55
CA LEU A 119 -1.37 -10.52 -9.58
C LEU A 119 -1.24 -11.54 -8.44
N LYS A 120 -0.01 -11.88 -8.05
CA LYS A 120 0.17 -12.80 -6.92
C LYS A 120 -0.42 -12.22 -5.64
N ILE A 121 -0.24 -10.92 -5.41
CA ILE A 121 -0.87 -10.27 -4.28
C ILE A 121 -2.39 -10.40 -4.37
N SER A 122 -2.97 -10.14 -5.53
N SER A 122 -2.97 -10.13 -5.54
CA SER A 122 -4.41 -10.27 -5.64
CA SER A 122 -4.42 -10.31 -5.70
C SER A 122 -4.87 -11.73 -5.46
C SER A 122 -4.84 -11.74 -5.42
N SER A 123 -4.03 -12.70 -5.87
CA SER A 123 -4.40 -14.11 -5.72
C SER A 123 -4.51 -14.52 -4.26
N GLU A 124 -3.79 -13.83 -3.37
CA GLU A 124 -3.92 -14.13 -1.94
C GLU A 124 -5.29 -13.72 -1.40
N PHE A 125 -5.87 -12.64 -1.90
CA PHE A 125 -7.23 -12.29 -1.49
C PHE A 125 -8.22 -13.35 -1.95
N VAL A 126 -8.02 -13.89 -3.16
CA VAL A 126 -8.85 -14.98 -3.67
C VAL A 126 -8.72 -16.21 -2.80
N ARG A 127 -7.47 -16.61 -2.51
CA ARG A 127 -7.22 -17.83 -1.76
C ARG A 127 -7.88 -17.76 -0.38
N LEU A 128 -7.76 -16.62 0.27
CA LEU A 128 -8.26 -16.46 1.63
C LEU A 128 -9.69 -15.94 1.68
N GLN A 129 -10.28 -15.53 0.55
CA GLN A 129 -11.64 -14.96 0.55
C GLN A 129 -11.76 -13.84 1.60
N VAL A 130 -10.86 -12.87 1.48
CA VAL A 130 -10.77 -11.78 2.45
C VAL A 130 -12.03 -10.93 2.37
N SER A 131 -12.56 -10.56 3.55
CA SER A 131 -13.73 -9.68 3.61
C SER A 131 -13.27 -8.23 3.55
N TYR A 132 -14.19 -7.35 3.16
CA TYR A 132 -13.86 -5.92 3.11
C TYR A 132 -13.36 -5.39 4.45
N ASP A 133 -13.98 -5.78 5.56
CA ASP A 133 -13.51 -5.26 6.84
C ASP A 133 -12.14 -5.82 7.23
N GLU A 134 -11.89 -7.11 6.91
CA GLU A 134 -10.54 -7.63 7.12
C GLU A 134 -9.51 -6.87 6.29
N TYR A 135 -9.83 -6.60 5.01
CA TYR A 135 -8.94 -5.82 4.16
C TYR A 135 -8.66 -4.44 4.75
N LEU A 136 -9.69 -3.74 5.22
CA LEU A 136 -9.47 -2.38 5.72
C LEU A 136 -8.57 -2.38 6.94
N CYS A 137 -8.73 -3.36 7.83
CA CYS A 137 -7.86 -3.42 9.02
C CYS A 137 -6.45 -3.82 8.64
N MET A 138 -6.29 -4.78 7.73
CA MET A 138 -4.95 -5.13 7.29
C MET A 138 -4.26 -3.95 6.63
N LYS A 139 -5.00 -3.13 5.87
CA LYS A 139 -4.34 -2.01 5.19
C LYS A 139 -3.81 -1.00 6.18
N VAL A 140 -4.58 -0.72 7.25
CA VAL A 140 -4.02 0.12 8.32
C VAL A 140 -2.74 -0.49 8.86
N LEU A 141 -2.75 -1.80 9.09
CA LEU A 141 -1.55 -2.42 9.65
C LEU A 141 -0.35 -2.29 8.73
N LEU A 142 -0.55 -2.28 7.39
CA LEU A 142 0.58 -2.06 6.48
C LEU A 142 1.17 -0.67 6.64
N LEU A 143 0.34 0.36 6.86
CA LEU A 143 0.84 1.71 7.15
C LEU A 143 1.73 1.70 8.38
N LEU A 144 1.44 0.82 9.32
CA LEU A 144 2.16 0.72 10.61
C LEU A 144 3.14 -0.44 10.69
N SER A 145 3.64 -0.98 9.58
N SER A 145 3.65 -0.92 9.53
CA SER A 145 4.45 -2.18 9.71
CA SER A 145 4.37 -2.18 9.42
C SER A 145 5.87 -2.07 9.16
C SER A 145 5.88 -2.03 9.28
N THR A 146 6.35 -0.86 8.84
CA THR A 146 7.76 -0.68 8.43
C THR A 146 8.30 0.55 9.16
N VAL A 147 9.36 0.37 9.95
CA VAL A 147 9.84 1.46 10.81
C VAL A 147 11.36 1.52 10.75
N PRO A 148 11.96 2.63 11.17
CA PRO A 148 13.43 2.68 11.23
C PRO A 148 13.93 1.69 12.27
N LYS A 149 15.08 1.07 11.98
CA LYS A 149 15.72 0.25 13.02
C LYS A 149 16.01 1.06 14.27
N ASP A 150 16.27 2.36 14.13
CA ASP A 150 16.61 3.17 15.30
C ASP A 150 15.40 3.70 16.05
N GLY A 151 14.18 3.39 15.60
CA GLY A 151 12.97 3.73 16.32
C GLY A 151 12.32 5.00 15.79
N LEU A 152 11.21 5.36 16.45
N LEU A 152 11.21 5.36 16.42
CA LEU A 152 10.40 6.52 16.10
CA LEU A 152 10.41 6.53 16.04
C LEU A 152 10.61 7.63 17.13
C LEU A 152 10.48 7.57 17.14
N LYS A 153 10.15 8.83 16.78
CA LYS A 153 10.16 9.92 17.76
C LYS A 153 9.05 9.80 18.79
N SER A 154 7.89 9.27 18.40
CA SER A 154 6.76 9.10 19.32
C SER A 154 6.44 7.61 19.42
N GLN A 155 7.41 6.86 19.97
CA GLN A 155 7.28 5.41 19.99
C GLN A 155 6.07 4.94 20.80
N ALA A 156 5.81 5.56 21.96
CA ALA A 156 4.69 5.07 22.78
C ALA A 156 3.36 5.30 22.10
N VAL A 157 3.22 6.44 21.41
CA VAL A 157 1.99 6.67 20.61
C VAL A 157 1.86 5.62 19.52
N PHE A 158 2.96 5.34 18.83
CA PHE A 158 2.93 4.37 17.75
C PHE A 158 2.54 3.00 18.28
N ASP A 159 3.17 2.57 19.38
CA ASP A 159 2.87 1.25 19.92
C ASP A 159 1.40 1.13 20.26
N GLU A 160 0.81 2.21 20.80
CA GLU A 160 -0.60 2.17 21.15
C GLU A 160 -1.50 2.07 19.92
N ILE A 161 -1.22 2.86 18.89
CA ILE A 161 -2.10 2.82 17.71
C ILE A 161 -1.96 1.49 16.99
N ARG A 162 -0.74 0.96 16.90
CA ARG A 162 -0.57 -0.33 16.23
C ARG A 162 -1.34 -1.41 16.98
N MET A 163 -1.30 -1.40 18.32
CA MET A 163 -2.01 -2.39 19.11
C MET A 163 -3.51 -2.22 18.91
N THR A 164 -3.97 -0.99 18.82
CA THR A 164 -5.39 -0.73 18.57
C THR A 164 -5.86 -1.38 17.26
N TYR A 165 -5.09 -1.24 16.20
CA TYR A 165 -5.50 -1.82 14.93
C TYR A 165 -5.30 -3.31 14.85
N ILE A 166 -4.35 -3.87 15.61
CA ILE A 166 -4.26 -5.32 15.73
C ILE A 166 -5.54 -5.85 16.34
N LYS A 167 -6.02 -5.20 17.39
CA LYS A 167 -7.29 -5.58 18.01
C LYS A 167 -8.42 -5.42 17.01
N GLU A 168 -8.40 -4.37 16.19
CA GLU A 168 -9.49 -4.20 15.25
C GLU A 168 -9.52 -5.31 14.20
N LEU A 169 -8.36 -5.76 13.75
CA LEU A 169 -8.36 -6.87 12.81
C LEU A 169 -9.01 -8.08 13.47
N GLY A 170 -8.71 -8.30 14.76
CA GLY A 170 -9.36 -9.38 15.47
C GLY A 170 -10.87 -9.23 15.47
N LYS A 171 -11.37 -8.02 15.73
CA LYS A 171 -12.79 -7.76 15.72
C LYS A 171 -13.40 -8.04 14.35
N ALA A 172 -12.72 -7.67 13.27
CA ALA A 172 -13.23 -7.92 11.93
C ALA A 172 -13.35 -9.42 11.65
N ILE A 173 -12.42 -10.22 12.21
CA ILE A 173 -12.48 -11.66 12.03
C ILE A 173 -13.64 -12.24 12.82
N VAL A 174 -13.80 -11.78 14.07
CA VAL A 174 -14.89 -12.28 14.91
C VAL A 174 -16.25 -11.92 14.33
N LYS A 175 -16.34 -10.77 13.65
CA LYS A 175 -17.61 -10.32 13.07
C LYS A 175 -17.93 -10.91 11.68
N ARG A 176 -17.00 -11.62 11.02
CA ARG A 176 -17.37 -12.41 9.85
C ARG A 176 -18.54 -13.32 10.24
N GLU A 177 -19.47 -13.54 9.31
CA GLU A 177 -20.56 -14.43 9.65
C GLU A 177 -20.10 -15.88 9.62
N GLY A 178 -20.56 -16.63 10.62
CA GLY A 178 -20.08 -17.92 11.06
C GLY A 178 -19.92 -17.90 12.55
N ASN A 179 -19.30 -18.95 13.09
CA ASN A 179 -19.06 -19.02 14.52
C ASN A 179 -17.61 -18.67 14.84
N SER A 180 -17.30 -18.65 16.13
CA SER A 180 -15.96 -18.33 16.61
C SER A 180 -14.96 -19.46 16.39
N SER A 181 -15.42 -20.61 15.90
CA SER A 181 -14.59 -21.81 15.88
C SER A 181 -13.25 -21.59 15.20
N GLN A 182 -13.21 -20.78 14.14
CA GLN A 182 -11.99 -20.66 13.34
C GLN A 182 -11.26 -19.34 13.55
N ASN A 183 -11.57 -18.57 14.61
CA ASN A 183 -11.06 -17.21 14.69
C ASN A 183 -9.53 -17.15 14.86
N TRP A 184 -8.95 -18.06 15.64
CA TRP A 184 -7.49 -18.07 15.78
C TRP A 184 -6.82 -18.47 14.47
N GLN A 185 -7.31 -19.53 13.83
CA GLN A 185 -6.76 -19.93 12.53
C GLN A 185 -6.82 -18.78 11.54
N ARG A 186 -7.92 -18.04 11.52
CA ARG A 186 -8.06 -16.89 10.60
C ARG A 186 -7.06 -15.80 10.93
N PHE A 187 -6.93 -15.45 12.20
CA PHE A 187 -5.95 -14.43 12.57
C PHE A 187 -4.54 -14.86 12.20
N TYR A 188 -4.21 -16.13 12.43
CA TYR A 188 -2.93 -16.68 12.02
C TYR A 188 -2.72 -16.51 10.51
N GLN A 189 -3.73 -16.87 9.70
CA GLN A 189 -3.58 -16.78 8.25
C GLN A 189 -3.42 -15.33 7.78
N LEU A 190 -4.19 -14.40 8.37
CA LEU A 190 -4.13 -13.02 7.88
C LEU A 190 -2.85 -12.34 8.33
N THR A 191 -2.35 -12.68 9.51
CA THR A 191 -1.06 -12.12 9.92
C THR A 191 0.10 -12.75 9.17
N LYS A 192 -0.03 -14.02 8.75
CA LYS A 192 0.97 -14.57 7.82
C LYS A 192 0.94 -13.83 6.50
N LEU A 193 -0.26 -13.46 6.02
CA LEU A 193 -0.34 -12.67 4.80
C LEU A 193 0.32 -11.31 4.98
N LEU A 194 0.03 -10.62 6.09
CA LEU A 194 0.69 -9.34 6.35
C LEU A 194 2.21 -9.50 6.33
N ASP A 195 2.74 -10.49 7.03
CA ASP A 195 4.19 -10.69 7.05
C ASP A 195 4.73 -10.92 5.63
N SER A 196 3.99 -11.69 4.83
CA SER A 196 4.43 -11.98 3.47
C SER A 196 4.45 -10.75 2.57
N MET A 197 3.69 -9.70 2.88
CA MET A 197 3.65 -8.53 2.01
C MET A 197 4.99 -7.86 1.91
N HIS A 198 5.82 -7.92 2.97
CA HIS A 198 7.15 -7.28 2.90
C HIS A 198 7.98 -7.86 1.77
N GLU A 199 7.98 -9.18 1.63
CA GLU A 199 8.70 -9.82 0.54
C GLU A 199 8.01 -9.62 -0.80
N MET A 200 6.67 -9.71 -0.81
CA MET A 200 5.97 -9.63 -2.10
C MET A 200 6.08 -8.27 -2.72
N VAL A 201 6.20 -7.21 -1.90
CA VAL A 201 6.34 -5.84 -2.38
C VAL A 201 7.81 -5.48 -2.59
N GLY A 202 8.72 -6.22 -2.01
CA GLY A 202 10.12 -5.82 -2.05
C GLY A 202 10.66 -5.76 -3.46
N GLY A 203 10.26 -6.71 -4.31
CA GLY A 203 10.69 -6.71 -5.68
C GLY A 203 10.09 -5.56 -6.46
N LEU A 204 8.81 -5.22 -6.19
CA LEU A 204 8.22 -4.07 -6.83
C LEU A 204 8.99 -2.81 -6.47
N LEU A 205 9.38 -2.69 -5.22
N LEU A 205 9.39 -2.67 -5.21
CA LEU A 205 10.15 -1.52 -4.79
CA LEU A 205 10.17 -1.52 -4.78
C LEU A 205 11.52 -1.48 -5.46
C LEU A 205 11.52 -1.47 -5.47
N GLN A 206 12.23 -2.61 -5.53
CA GLN A 206 13.55 -2.61 -6.21
C GLN A 206 13.39 -2.21 -7.66
N PHE A 207 12.31 -2.65 -8.32
CA PHE A 207 12.10 -2.27 -9.71
C PHE A 207 11.83 -0.77 -9.82
N CYS A 208 11.00 -0.25 -8.92
CA CYS A 208 10.72 1.18 -8.90
C CYS A 208 11.99 1.98 -8.65
N PHE A 209 12.82 1.54 -7.70
CA PHE A 209 14.09 2.24 -7.44
C PHE A 209 14.96 2.27 -8.68
N TYR A 210 15.07 1.14 -9.42
CA TYR A 210 15.87 1.13 -10.65
C TYR A 210 15.32 2.10 -11.68
N THR A 211 13.99 2.08 -11.90
CA THR A 211 13.41 3.01 -12.89
C THR A 211 13.52 4.46 -12.44
N PHE A 212 13.63 4.71 -11.14
CA PHE A 212 13.75 6.08 -10.63
C PHE A 212 15.17 6.60 -10.81
N VAL A 213 16.17 5.80 -10.46
CA VAL A 213 17.56 6.27 -10.50
C VAL A 213 18.14 6.26 -11.90
N ASN A 214 17.74 5.30 -12.74
CA ASN A 214 18.30 5.15 -14.09
C ASN A 214 17.53 6.06 -15.03
N LYS A 215 18.00 7.30 -15.18
CA LYS A 215 17.26 8.26 -15.99
C LYS A 215 17.22 7.89 -17.46
N SER A 216 18.10 7.00 -17.94
CA SER A 216 18.09 6.64 -19.35
C SER A 216 16.86 5.85 -19.76
N LEU A 217 16.13 5.26 -18.80
CA LEU A 217 14.91 4.56 -19.14
C LEU A 217 13.76 5.50 -19.49
N SER A 218 13.90 6.78 -19.18
CA SER A 218 12.91 7.82 -19.48
C SER A 218 11.55 7.62 -18.80
N VAL A 219 11.52 6.90 -17.69
CA VAL A 219 10.26 6.78 -16.94
C VAL A 219 10.02 8.06 -16.14
N GLU A 220 8.82 8.62 -16.26
CA GLU A 220 8.50 9.86 -15.56
C GLU A 220 7.89 9.54 -14.20
N PHE A 221 8.23 10.37 -13.20
CA PHE A 221 7.58 10.35 -11.89
C PHE A 221 7.04 11.73 -11.54
N PRO A 222 5.85 11.81 -10.95
CA PRO A 222 5.32 13.09 -10.49
C PRO A 222 6.04 13.57 -9.23
N GLU A 223 5.87 14.85 -8.93
CA GLU A 223 6.79 15.51 -8.00
C GLU A 223 6.73 14.92 -6.59
N MET A 224 5.52 14.78 -6.02
CA MET A 224 5.49 14.29 -4.64
C MET A 224 6.03 12.87 -4.55
N LEU A 225 5.72 12.02 -5.54
CA LEU A 225 6.25 10.66 -5.51
C LEU A 225 7.78 10.64 -5.63
N ALA A 226 8.34 11.47 -6.51
CA ALA A 226 9.79 11.56 -6.61
C ALA A 226 10.40 11.97 -5.27
N GLU A 227 9.77 12.92 -4.57
CA GLU A 227 10.31 13.33 -3.28
C GLU A 227 10.28 12.18 -2.29
N ILE A 228 9.18 11.43 -2.26
CA ILE A 228 9.05 10.31 -1.32
C ILE A 228 10.11 9.27 -1.62
N ILE A 229 10.24 8.88 -2.89
CA ILE A 229 11.23 7.86 -3.23
C ILE A 229 12.64 8.34 -2.89
N SER A 230 12.93 9.61 -3.12
CA SER A 230 14.26 10.14 -2.84
C SER A 230 14.63 10.00 -1.37
N ASN A 231 13.65 10.09 -0.47
CA ASN A 231 13.87 9.91 0.97
C ASN A 231 13.88 8.44 1.36
N GLN A 232 13.01 7.64 0.76
CA GLN A 232 12.87 6.24 1.15
C GLN A 232 14.03 5.41 0.63
N LEU A 233 14.42 5.61 -0.63
CA LEU A 233 15.39 4.74 -1.27
C LEU A 233 16.68 4.60 -0.47
N PRO A 234 17.36 5.68 -0.03
CA PRO A 234 18.62 5.47 0.69
C PRO A 234 18.46 4.68 1.98
N LYS A 235 17.35 4.87 2.69
CA LYS A 235 17.15 4.14 3.94
C LYS A 235 16.95 2.65 3.67
N PHE A 236 16.17 2.31 2.63
CA PHE A 236 15.94 0.93 2.29
C PHE A 236 17.22 0.27 1.79
N LYS A 237 17.96 0.94 0.91
CA LYS A 237 19.15 0.30 0.35
C LYS A 237 20.23 0.11 1.41
N ALA A 238 20.31 0.99 2.42
CA ALA A 238 21.29 0.87 3.49
C ALA A 238 20.93 -0.16 4.53
N GLY A 239 19.73 -0.72 4.49
CA GLY A 239 19.31 -1.69 5.47
C GLY A 239 18.97 -1.07 6.80
N SER A 240 18.44 0.16 6.82
N SER A 240 18.51 0.18 6.81
CA SER A 240 18.12 0.85 8.07
CA SER A 240 18.22 0.88 8.05
C SER A 240 16.66 0.76 8.45
C SER A 240 16.80 0.67 8.53
N VAL A 241 15.89 -0.05 7.74
N VAL A 241 15.99 -0.06 7.78
CA VAL A 241 14.45 -0.14 7.96
CA VAL A 241 14.57 -0.17 8.06
C VAL A 241 14.15 -1.58 8.32
C VAL A 241 14.26 -1.60 8.48
N LYS A 242 13.16 -1.77 9.19
CA LYS A 242 12.78 -3.12 9.53
C LYS A 242 11.28 -3.32 9.48
N PRO A 243 10.85 -4.47 9.03
CA PRO A 243 9.44 -4.82 9.07
C PRO A 243 9.09 -5.31 10.47
N LEU A 244 7.88 -4.98 10.91
CA LEU A 244 7.36 -5.48 12.18
C LEU A 244 6.54 -6.73 11.89
N LEU A 245 7.14 -7.88 12.14
CA LEU A 245 6.56 -9.17 11.77
C LEU A 245 5.77 -9.74 12.93
N PHE A 246 4.67 -10.39 12.60
CA PHE A 246 3.91 -11.09 13.61
C PHE A 246 4.52 -12.44 13.94
N HIS A 247 5.16 -13.11 12.97
CA HIS A 247 5.66 -14.47 13.16
C HIS A 247 7.15 -14.56 12.95
N GLN A 248 7.75 -15.56 13.58
CA GLN A 248 9.17 -15.84 13.34
C GLN A 248 9.38 -16.13 11.86
N LYS A 249 10.43 -15.54 11.31
CA LYS A 249 10.76 -15.75 9.90
C LYS A 249 11.17 -17.20 9.64
N PRO B 1 9.06 21.71 4.14
CA PRO B 1 9.06 22.28 2.79
C PRO B 1 8.76 21.23 1.72
N SER B 2 8.84 19.95 2.07
CA SER B 2 8.48 18.94 1.09
C SER B 2 6.96 18.96 0.87
N LEU B 3 6.55 18.45 -0.30
CA LEU B 3 5.11 18.43 -0.62
C LEU B 3 4.35 17.53 0.33
N LEU B 4 4.95 16.40 0.73
CA LEU B 4 4.31 15.51 1.70
C LEU B 4 4.12 16.22 3.03
N LYS B 5 5.13 16.96 3.50
CA LYS B 5 4.97 17.65 4.78
C LYS B 5 3.90 18.74 4.68
N LYS B 6 3.87 19.49 3.57
CA LYS B 6 2.84 20.50 3.42
C LYS B 6 1.44 19.88 3.47
N LEU B 7 1.24 18.75 2.80
CA LEU B 7 -0.06 18.10 2.82
C LEU B 7 -0.40 17.59 4.21
N LEU B 8 0.57 17.02 4.92
CA LEU B 8 0.30 16.56 6.28
C LEU B 8 -0.07 17.71 7.20
N LEU B 9 0.46 18.92 6.95
CA LEU B 9 0.18 20.07 7.80
C LEU B 9 -1.06 20.83 7.39
N ALA B 10 -1.58 20.59 6.19
CA ALA B 10 -2.68 21.40 5.65
C ALA B 10 -3.98 21.02 6.34
N PRO B 11 -4.89 21.98 6.54
CA PRO B 11 -6.21 21.60 7.07
C PRO B 11 -6.90 20.62 6.13
N ALA B 12 -7.62 19.67 6.70
CA ALA B 12 -8.38 18.71 5.91
C ALA B 12 -9.65 19.36 5.35
#